data_6YKE
#
_entry.id   6YKE
#
_cell.length_a   39.290
_cell.length_b   103.130
_cell.length_c   42.010
_cell.angle_alpha   90.000
_cell.angle_beta   106.126
_cell.angle_gamma   90.000
#
_symmetry.space_group_name_H-M   'P 1 21 1'
#
loop_
_entity.id
_entity.type
_entity.pdbx_description
1 polymer YTHDC1
2 non-polymer 'SULFATE ION'
3 non-polymer (2~{R})-2-(3-fluorophenyl)-5,5-dimethyl-morpholine
4 water water
#
_entity_poly.entity_id   1
_entity_poly.type   'polypeptide(L)'
_entity_poly.pdbx_seq_one_letter_code
;MHHHHHHSSGRENLYFQGTSKLKYVLQDARFFLIKSNNHENVSLAKAKGVWSTLPVNEKKLNLAFRSARSVILIFSVRES
GKFQGFARLSSESHHGGSPIHWVLPAGMSAKMLGGVFKIDWICRRELPFTKSAHLTNPWNEHKPVKIGRDGQEIELECGT
QLCLLFPPDESIDLYQVIHKMRH
;
_entity_poly.pdbx_strand_id   A,B
#
loop_
_chem_comp.id
_chem_comp.type
_chem_comp.name
_chem_comp.formula
OUQ non-polymer (2~{R})-2-(3-fluorophenyl)-5,5-dimethyl-morpholine 'C12 H16 F N O'
SO4 non-polymer 'SULFATE ION' 'O4 S -2'
#
# COMPACT_ATOMS: atom_id res chain seq x y z
CA GLY A 18 -13.66 8.39 20.15
C GLY A 18 -13.23 8.83 18.77
N THR A 19 -13.72 8.11 17.75
CA THR A 19 -13.35 8.36 16.36
C THR A 19 -14.51 8.78 15.49
N SER A 20 -15.71 8.98 16.06
CA SER A 20 -16.89 9.26 15.24
C SER A 20 -16.83 10.65 14.62
N LYS A 21 -16.51 11.68 15.40
CA LYS A 21 -16.41 13.01 14.79
C LYS A 21 -15.31 13.04 13.75
N LEU A 22 -14.21 12.32 14.00
CA LEU A 22 -13.14 12.23 13.00
C LEU A 22 -13.67 11.63 11.70
N LYS A 23 -14.36 10.48 11.80
CA LYS A 23 -14.94 9.87 10.60
C LYS A 23 -15.90 10.82 9.88
N TYR A 24 -16.66 11.60 10.64
CA TYR A 24 -17.55 12.58 10.00
C TYR A 24 -16.75 13.61 9.20
N VAL A 25 -15.63 14.08 9.75
CA VAL A 25 -14.82 15.08 9.05
C VAL A 25 -14.21 14.50 7.78
N LEU A 26 -13.85 13.21 7.81
CA LEU A 26 -13.18 12.54 6.71
C LEU A 26 -14.14 12.06 5.64
N GLN A 27 -15.43 12.04 5.93
CA GLN A 27 -16.43 11.57 4.97
C GLN A 27 -16.32 12.34 3.66
N ASP A 28 -16.05 11.60 2.58
CA ASP A 28 -15.97 12.17 1.24
C ASP A 28 -14.89 13.26 1.14
N ALA A 29 -13.89 13.19 2.00
CA ALA A 29 -12.79 14.14 1.94
C ALA A 29 -11.88 13.83 0.75
N ARG A 30 -11.02 14.77 0.41
CA ARG A 30 -9.86 14.50 -0.42
C ARG A 30 -8.60 14.61 0.43
N PHE A 31 -7.59 13.84 0.04
CA PHE A 31 -6.37 13.66 0.82
C PHE A 31 -5.16 13.96 -0.05
N PHE A 32 -4.20 14.69 0.50
CA PHE A 32 -2.95 14.98 -0.21
C PHE A 32 -1.75 14.71 0.69
N LEU A 33 -0.76 14.02 0.12
CA LEU A 33 0.51 13.77 0.78
C LEU A 33 1.38 15.02 0.71
N ILE A 34 1.83 15.49 1.88
CA ILE A 34 2.72 16.64 1.95
C ILE A 34 4.07 16.14 2.44
N LYS A 35 5.11 16.38 1.66
CA LYS A 35 6.47 15.97 2.03
C LYS A 35 7.28 17.23 2.32
N SER A 36 7.85 17.30 3.52
CA SER A 36 8.66 18.43 3.92
C SER A 36 10.12 17.97 4.07
N ASN A 37 11.05 18.83 3.65
CA ASN A 37 12.45 18.45 3.77
C ASN A 37 12.97 18.59 5.19
N ASN A 38 12.24 19.26 6.09
CA ASN A 38 12.78 19.48 7.42
C ASN A 38 11.66 19.61 8.44
N HIS A 39 12.01 19.30 9.68
CA HIS A 39 11.05 19.36 10.79
C HIS A 39 10.64 20.79 11.11
N GLU A 40 11.51 21.78 10.90
CA GLU A 40 11.17 23.15 11.31
C GLU A 40 9.94 23.65 10.56
N ASN A 41 9.78 23.26 9.30
CA ASN A 41 8.62 23.76 8.58
C ASN A 41 7.33 23.13 9.11
N VAL A 42 7.38 21.85 9.45
CA VAL A 42 6.18 21.21 10.00
C VAL A 42 5.86 21.76 11.38
N SER A 43 6.90 22.06 12.17
CA SER A 43 6.67 22.67 13.48
C SER A 43 6.07 24.07 13.34
N LEU A 44 6.57 24.84 12.38
CA LEU A 44 5.97 26.14 12.11
C LEU A 44 4.51 26.02 11.72
N ALA A 45 4.19 25.05 10.85
CA ALA A 45 2.81 24.85 10.43
C ALA A 45 1.93 24.42 11.60
N LYS A 46 2.46 23.60 12.50
CA LYS A 46 1.72 23.19 13.68
C LYS A 46 1.46 24.36 14.62
N ALA A 47 2.43 25.27 14.75
CA ALA A 47 2.27 26.39 15.68
C ALA A 47 1.40 27.50 15.08
N LYS A 48 1.49 27.75 13.78
CA LYS A 48 0.83 28.88 13.16
C LYS A 48 -0.41 28.51 12.35
N GLY A 49 -0.67 27.23 12.12
CA GLY A 49 -1.85 26.82 11.39
C GLY A 49 -1.87 27.29 9.95
N VAL A 50 -0.73 27.19 9.26
CA VAL A 50 -0.57 27.62 7.88
C VAL A 50 0.27 26.61 7.12
N TRP A 51 0.09 26.59 5.80
CA TRP A 51 0.99 25.85 4.92
C TRP A 51 1.16 26.62 3.62
N SER A 52 2.31 26.40 2.97
CA SER A 52 2.56 26.96 1.65
C SER A 52 3.29 25.92 0.82
N THR A 53 2.99 25.90 -0.47
CA THR A 53 3.56 24.92 -1.38
C THR A 53 3.84 25.57 -2.73
N LEU A 54 4.52 24.83 -3.59
CA LEU A 54 4.85 25.35 -4.91
C LEU A 54 3.59 25.52 -5.75
N PRO A 55 3.61 26.42 -6.73
CA PRO A 55 2.37 26.76 -7.45
C PRO A 55 1.68 25.58 -8.10
N VAL A 56 2.42 24.59 -8.61
CA VAL A 56 1.77 23.42 -9.22
CA VAL A 56 1.76 23.43 -9.22
C VAL A 56 0.89 22.71 -8.21
N ASN A 57 1.34 22.64 -6.95
CA ASN A 57 0.52 22.03 -5.91
C ASN A 57 -0.52 23.00 -5.39
N GLU A 58 -0.18 24.29 -5.34
CA GLU A 58 -1.14 25.31 -4.91
C GLU A 58 -2.41 25.27 -5.75
N LYS A 59 -2.28 25.15 -7.07
CA LYS A 59 -3.47 25.12 -7.93
C LYS A 59 -4.28 23.86 -7.70
N LYS A 60 -3.63 22.71 -7.49
CA LYS A 60 -4.38 21.48 -7.21
C LYS A 60 -5.14 21.59 -5.89
N LEU A 61 -4.50 22.13 -4.84
CA LEU A 61 -5.17 22.26 -3.56
C LEU A 61 -6.33 23.24 -3.62
N ASN A 62 -6.18 24.34 -4.36
CA ASN A 62 -7.28 25.30 -4.49
C ASN A 62 -8.45 24.67 -5.22
N LEU A 63 -8.18 23.91 -6.30
CA LEU A 63 -9.26 23.21 -6.98
C LEU A 63 -9.95 22.22 -6.04
N ALA A 64 -9.17 21.48 -5.26
CA ALA A 64 -9.75 20.51 -4.34
C ALA A 64 -10.58 21.20 -3.27
N PHE A 65 -10.10 22.35 -2.78
CA PHE A 65 -10.80 23.02 -1.68
C PHE A 65 -12.22 23.40 -2.09
N ARG A 66 -12.40 23.84 -3.34
CA ARG A 66 -13.74 24.20 -3.83
C ARG A 66 -14.58 22.97 -4.13
N SER A 67 -13.97 21.79 -4.24
CA SER A 67 -14.64 20.62 -4.74
C SER A 67 -15.13 19.66 -3.67
N ALA A 68 -14.63 19.77 -2.43
CA ALA A 68 -14.89 18.73 -1.45
C ALA A 68 -15.20 19.36 -0.10
N ARG A 69 -15.96 18.62 0.71
CA ARG A 69 -16.29 19.07 2.06
C ARG A 69 -15.04 19.32 2.90
N SER A 70 -14.03 18.46 2.77
CA SER A 70 -12.78 18.59 3.51
C SER A 70 -11.63 18.20 2.61
N VAL A 71 -10.56 19.00 2.61
CA VAL A 71 -9.30 18.63 1.97
C VAL A 71 -8.27 18.44 3.07
N ILE A 72 -7.71 17.23 3.16
CA ILE A 72 -6.84 16.81 4.26
C ILE A 72 -5.41 16.73 3.76
N LEU A 73 -4.50 17.40 4.46
CA LEU A 73 -3.07 17.30 4.18
C LEU A 73 -2.44 16.39 5.22
N ILE A 74 -1.74 15.35 4.76
CA ILE A 74 -1.04 14.41 5.62
C ILE A 74 0.46 14.65 5.46
N PHE A 75 1.14 14.98 6.57
CA PHE A 75 2.50 15.51 6.52
C PHE A 75 3.53 14.43 6.82
N SER A 76 4.64 14.42 6.05
CA SER A 76 5.75 13.55 6.39
C SER A 76 7.06 14.28 6.11
N VAL A 77 7.94 14.29 7.10
CA VAL A 77 9.28 14.87 6.96
C VAL A 77 10.20 13.83 6.33
N ARG A 78 10.89 14.21 5.25
CA ARG A 78 11.77 13.28 4.56
C ARG A 78 12.83 12.76 5.51
N GLU A 79 13.15 11.48 5.39
CA GLU A 79 14.13 10.74 6.18
C GLU A 79 13.68 10.51 7.62
N SER A 80 12.48 10.96 8.01
CA SER A 80 12.05 10.72 9.37
C SER A 80 11.48 9.34 9.57
N GLY A 81 11.00 8.70 8.49
CA GLY A 81 10.33 7.42 8.60
C GLY A 81 8.96 7.46 9.20
N LYS A 82 8.36 8.65 9.29
CA LYS A 82 7.07 8.82 9.94
C LYS A 82 6.26 9.90 9.21
N PHE A 83 4.96 9.83 9.43
CA PHE A 83 4.07 10.97 9.28
C PHE A 83 4.05 11.77 10.58
N GLN A 84 3.94 13.09 10.45
CA GLN A 84 3.92 13.95 11.65
C GLN A 84 2.54 14.44 12.03
N GLY A 85 1.49 14.07 11.29
CA GLY A 85 0.13 14.45 11.63
C GLY A 85 -0.66 14.79 10.39
N PHE A 86 -1.89 15.28 10.57
CA PHE A 86 -2.65 15.74 9.42
C PHE A 86 -3.57 16.89 9.81
N ALA A 87 -3.93 17.69 8.80
CA ALA A 87 -4.66 18.93 8.99
C ALA A 87 -5.66 19.11 7.85
N ARG A 88 -6.66 19.96 8.08
CA ARG A 88 -7.72 20.20 7.11
C ARG A 88 -7.59 21.64 6.62
N LEU A 89 -7.60 21.82 5.30
CA LEU A 89 -7.63 23.16 4.73
C LEU A 89 -8.87 23.91 5.23
N SER A 90 -8.66 25.12 5.74
CA SER A 90 -9.78 26.00 6.10
C SER A 90 -9.89 27.20 5.18
N SER A 91 -9.00 27.34 4.19
CA SER A 91 -9.08 28.42 3.21
C SER A 91 -8.38 27.98 1.93
N GLU A 92 -8.69 28.70 0.85
CA GLU A 92 -7.81 28.72 -0.31
C GLU A 92 -6.53 29.46 0.03
N SER A 93 -5.56 29.40 -0.88
CA SER A 93 -4.32 30.14 -0.68
C SER A 93 -4.56 31.64 -0.86
N HIS A 94 -3.77 32.43 -0.14
CA HIS A 94 -3.81 33.88 -0.23
C HIS A 94 -2.41 34.44 -0.06
N HIS A 95 -2.21 35.65 -0.58
CA HIS A 95 -0.94 36.35 -0.50
C HIS A 95 -1.07 37.59 0.37
N GLY A 96 0.07 38.15 0.74
CA GLY A 96 0.11 39.22 1.72
C GLY A 96 -0.02 38.68 3.14
N GLY A 97 0.31 39.53 4.10
CA GLY A 97 0.36 39.12 5.49
C GLY A 97 1.78 38.89 5.98
N SER A 98 1.86 38.52 7.26
CA SER A 98 3.14 38.28 7.92
C SER A 98 3.95 37.23 7.18
N PRO A 99 5.15 37.55 6.70
CA PRO A 99 5.96 36.54 6.01
C PRO A 99 6.34 35.41 6.96
N ILE A 100 6.06 34.19 6.54
CA ILE A 100 6.38 33.01 7.34
C ILE A 100 7.82 32.63 7.08
N HIS A 101 8.60 32.48 8.15
CA HIS A 101 10.04 32.24 8.03
C HIS A 101 10.34 30.75 7.85
N TRP A 102 9.86 30.22 6.73
CA TRP A 102 10.17 28.85 6.38
C TRP A 102 11.68 28.66 6.22
N VAL A 103 12.13 27.43 6.41
CA VAL A 103 13.46 27.02 5.98
C VAL A 103 13.35 26.51 4.55
N LEU A 104 13.83 27.29 3.63
CA LEU A 104 13.63 27.05 2.21
C LEU A 104 14.74 26.17 1.64
N PRO A 105 14.44 25.41 0.57
CA PRO A 105 15.38 24.36 0.11
C PRO A 105 16.61 24.82 -0.66
N ALA A 106 17.22 25.95 -0.27
CA ALA A 106 18.51 26.41 -0.82
C ALA A 106 18.43 26.76 -2.31
N GLY A 107 18.68 28.02 -2.64
CA GLY A 107 18.25 28.62 -3.88
C GLY A 107 17.06 29.49 -3.52
N MET A 108 15.95 28.82 -3.25
CA MET A 108 15.13 29.11 -2.07
C MET A 108 14.59 30.53 -2.01
N SER A 109 13.95 30.97 -3.08
CA SER A 109 13.26 32.24 -3.00
C SER A 109 11.88 32.03 -2.40
N ALA A 110 11.55 32.80 -1.36
CA ALA A 110 10.18 32.80 -0.86
C ALA A 110 9.21 33.29 -1.94
N LYS A 111 9.70 34.04 -2.93
CA LYS A 111 8.86 34.42 -4.06
C LYS A 111 8.50 33.22 -4.92
N MET A 112 9.33 32.17 -4.93
CA MET A 112 8.99 30.96 -5.68
C MET A 112 7.83 30.21 -5.05
N LEU A 113 7.57 30.41 -3.76
CA LEU A 113 6.39 29.82 -3.15
C LEU A 113 5.13 30.51 -3.66
N GLY A 114 4.02 29.79 -3.56
CA GLY A 114 2.71 30.34 -3.81
C GLY A 114 2.14 31.01 -2.57
N GLY A 115 0.81 31.08 -2.53
CA GLY A 115 0.13 31.70 -1.42
C GLY A 115 0.16 30.86 -0.16
N VAL A 116 -0.56 31.35 0.84
CA VAL A 116 -0.61 30.71 2.16
C VAL A 116 -1.99 30.10 2.35
N PHE A 117 -2.02 28.82 2.71
CA PHE A 117 -3.26 28.18 3.11
C PHE A 117 -3.38 28.23 4.62
N LYS A 118 -4.57 28.57 5.11
CA LYS A 118 -4.87 28.36 6.52
C LYS A 118 -5.33 26.92 6.71
N ILE A 119 -4.87 26.29 7.78
CA ILE A 119 -5.18 24.90 8.07
C ILE A 119 -5.55 24.74 9.53
N ASP A 120 -6.47 23.79 9.80
CA ASP A 120 -6.81 23.37 11.15
C ASP A 120 -6.25 21.97 11.38
N TRP A 121 -5.42 21.81 12.40
CA TRP A 121 -4.85 20.51 12.66
C TRP A 121 -5.91 19.58 13.22
N ILE A 122 -5.88 18.34 12.73
CA ILE A 122 -6.77 17.30 13.23
C ILE A 122 -6.03 16.33 14.13
N CYS A 123 -4.73 16.11 13.90
CA CYS A 123 -3.92 15.23 14.70
C CYS A 123 -2.49 15.72 14.58
N ARG A 124 -1.86 16.08 15.70
CA ARG A 124 -0.48 16.52 15.69
C ARG A 124 0.47 15.42 16.11
N ARG A 125 -0.01 14.19 16.26
CA ARG A 125 0.81 13.06 16.66
C ARG A 125 1.44 12.41 15.44
N GLU A 126 2.54 11.70 15.67
CA GLU A 126 3.29 10.99 14.64
CA GLU A 126 3.22 11.03 14.58
C GLU A 126 2.75 9.57 14.42
N LEU A 127 2.99 9.04 13.23
CA LEU A 127 2.69 7.64 12.91
C LEU A 127 3.86 7.08 12.11
N PRO A 128 4.50 6.00 12.56
CA PRO A 128 5.62 5.46 11.80
C PRO A 128 5.14 4.75 10.56
N PHE A 129 5.97 4.80 9.51
CA PHE A 129 5.64 4.13 8.25
C PHE A 129 5.40 2.64 8.45
N THR A 130 6.07 2.03 9.44
CA THR A 130 5.90 0.60 9.66
C THR A 130 4.44 0.25 9.94
N LYS A 131 3.66 1.19 10.47
CA LYS A 131 2.25 0.95 10.76
C LYS A 131 1.33 1.15 9.56
N SER A 132 1.83 1.72 8.46
CA SER A 132 1.00 1.97 7.29
C SER A 132 1.43 1.12 6.09
N ALA A 133 2.24 0.08 6.32
CA ALA A 133 2.77 -0.72 5.23
C ALA A 133 1.71 -1.52 4.50
N HIS A 134 0.52 -1.68 5.09
CA HIS A 134 -0.57 -2.40 4.45
C HIS A 134 -1.47 -1.52 3.61
N LEU A 135 -1.18 -0.22 3.51
CA LEU A 135 -1.99 0.73 2.75
C LEU A 135 -1.25 1.14 1.49
N THR A 136 -1.87 0.88 0.33
CA THR A 136 -1.34 1.28 -0.96
C THR A 136 -2.24 2.34 -1.57
N ASN A 137 -1.63 3.24 -2.34
CA ASN A 137 -2.34 4.36 -2.93
C ASN A 137 -2.60 4.07 -4.41
N PRO A 138 -3.83 3.77 -4.80
CA PRO A 138 -4.11 3.50 -6.23
C PRO A 138 -3.70 4.62 -7.14
N TRP A 139 -3.69 5.88 -6.66
CA TRP A 139 -3.31 6.98 -7.52
C TRP A 139 -1.80 7.17 -7.64
N ASN A 140 -1.01 6.33 -6.96
CA ASN A 140 0.44 6.28 -7.19
C ASN A 140 0.85 4.83 -7.43
N GLU A 141 0.24 4.21 -8.43
CA GLU A 141 0.62 2.87 -8.89
C GLU A 141 0.55 1.82 -7.78
N HIS A 142 -0.32 2.04 -6.79
CA HIS A 142 -0.48 1.14 -5.64
C HIS A 142 0.82 0.95 -4.88
N LYS A 143 1.73 1.91 -4.96
CA LYS A 143 2.88 1.91 -4.06
C LYS A 143 2.42 2.21 -2.62
N PRO A 144 3.18 1.76 -1.62
CA PRO A 144 2.82 2.08 -0.23
C PRO A 144 2.57 3.58 -0.07
N VAL A 145 1.58 3.92 0.73
CA VAL A 145 1.11 5.30 0.77
C VAL A 145 2.19 6.27 1.25
N LYS A 146 3.17 5.79 2.03
CA LYS A 146 4.32 6.61 2.40
C LYS A 146 5.10 7.10 1.19
N ILE A 147 5.02 6.43 0.05
CA ILE A 147 5.82 6.82 -1.09
C ILE A 147 5.03 7.77 -1.97
N GLY A 148 5.64 8.88 -2.35
CA GLY A 148 4.96 9.84 -3.18
C GLY A 148 5.64 11.19 -3.17
N ARG A 149 5.56 11.89 -4.30
CA ARG A 149 6.04 13.25 -4.39
C ARG A 149 5.18 14.16 -3.52
N ASP A 150 5.74 15.30 -3.15
CA ASP A 150 4.98 16.34 -2.45
C ASP A 150 3.79 16.72 -3.31
N GLY A 151 2.59 16.64 -2.74
CA GLY A 151 1.36 16.96 -3.44
C GLY A 151 0.62 15.78 -4.01
N GLN A 152 1.18 14.57 -3.91
CA GLN A 152 0.51 13.38 -4.42
C GLN A 152 -0.86 13.22 -3.77
N GLU A 153 -1.90 13.10 -4.60
CA GLU A 153 -3.22 12.82 -4.05
C GLU A 153 -3.30 11.37 -3.61
N ILE A 154 -3.98 11.16 -2.49
CA ILE A 154 -4.21 9.84 -1.93
C ILE A 154 -5.69 9.48 -2.10
N GLU A 155 -5.95 8.35 -2.75
CA GLU A 155 -7.32 7.90 -2.99
C GLU A 155 -8.11 7.82 -1.68
N LEU A 156 -9.43 8.03 -1.80
CA LEU A 156 -10.33 8.19 -0.67
C LEU A 156 -10.16 7.12 0.40
N GLU A 157 -10.20 5.84 0.01
CA GLU A 157 -10.20 4.78 1.01
C GLU A 157 -8.84 4.64 1.68
N CYS A 158 -7.78 4.69 0.88
CA CYS A 158 -6.43 4.73 1.44
C CYS A 158 -6.26 5.87 2.42
N GLY A 159 -6.67 7.08 2.01
CA GLY A 159 -6.46 8.25 2.85
C GLY A 159 -7.24 8.18 4.15
N THR A 160 -8.48 7.68 4.08
CA THR A 160 -9.29 7.53 5.27
C THR A 160 -8.67 6.54 6.24
N GLN A 161 -8.26 5.37 5.75
CA GLN A 161 -7.67 4.38 6.64
C GLN A 161 -6.34 4.87 7.20
N LEU A 162 -5.58 5.63 6.42
CA LEU A 162 -4.33 6.20 6.92
C LEU A 162 -4.59 7.15 8.09
N CYS A 163 -5.56 8.05 7.93
CA CYS A 163 -5.86 8.99 9.01
C CYS A 163 -6.36 8.26 10.26
N LEU A 164 -7.12 7.18 10.08
CA LEU A 164 -7.61 6.44 11.23
C LEU A 164 -6.51 5.67 11.97
N LEU A 165 -5.35 5.49 11.33
CA LEU A 165 -4.24 4.79 11.99
C LEU A 165 -3.55 5.66 13.02
N PHE A 166 -3.64 6.98 12.88
CA PHE A 166 -2.90 7.87 13.77
C PHE A 166 -3.41 7.70 15.20
N PRO A 167 -2.54 7.78 16.20
CA PRO A 167 -3.02 7.82 17.58
C PRO A 167 -3.93 9.00 17.77
N PRO A 168 -5.02 8.86 18.50
CA PRO A 168 -5.92 9.99 18.73
C PRO A 168 -5.22 11.13 19.45
N ASP A 169 -5.50 12.35 19.01
CA ASP A 169 -4.93 13.56 19.58
C ASP A 169 -6.00 14.19 20.47
N GLU A 170 -5.95 13.88 21.77
CA GLU A 170 -6.96 14.33 22.71
C GLU A 170 -6.92 15.83 22.95
N SER A 171 -5.91 16.53 22.44
CA SER A 171 -5.86 17.98 22.60
C SER A 171 -6.77 18.70 21.63
N ILE A 172 -7.28 18.03 20.61
CA ILE A 172 -8.02 18.69 19.54
C ILE A 172 -9.50 18.41 19.71
N ASP A 173 -10.31 19.43 19.50
CA ASP A 173 -11.77 19.34 19.59
C ASP A 173 -12.31 19.53 18.18
N LEU A 174 -12.85 18.46 17.60
CA LEU A 174 -13.32 18.56 16.21
C LEU A 174 -14.67 19.25 16.08
N TYR A 175 -15.30 19.64 17.18
CA TYR A 175 -16.53 20.41 17.10
C TYR A 175 -16.34 21.67 16.25
N GLN A 176 -15.21 22.36 16.44
CA GLN A 176 -14.93 23.61 15.73
C GLN A 176 -14.76 23.39 14.22
N VAL A 177 -14.06 22.33 13.82
CA VAL A 177 -13.81 22.15 12.40
C VAL A 177 -15.05 21.61 11.69
N ILE A 178 -15.90 20.88 12.41
CA ILE A 178 -17.16 20.42 11.82
C ILE A 178 -18.02 21.60 11.41
N HIS A 179 -18.04 22.67 12.22
CA HIS A 179 -18.86 23.83 11.89
C HIS A 179 -18.37 24.54 10.63
N LYS A 180 -17.08 24.41 10.30
CA LYS A 180 -16.56 25.03 9.08
C LYS A 180 -16.90 24.25 7.82
N MET A 181 -17.38 23.03 7.95
CA MET A 181 -17.83 22.25 6.81
C MET A 181 -19.19 22.75 6.34
N GLY B 18 16.41 -19.66 11.25
CA GLY B 18 16.49 -21.01 10.74
C GLY B 18 15.37 -21.35 9.78
N THR B 19 15.43 -22.54 9.18
CA THR B 19 14.45 -22.94 8.19
C THR B 19 13.44 -23.97 8.72
N SER B 20 13.50 -24.30 10.02
CA SER B 20 12.61 -25.33 10.55
C SER B 20 11.14 -24.95 10.42
N LYS B 21 10.79 -23.71 10.75
CA LYS B 21 9.42 -23.24 10.62
C LYS B 21 8.93 -23.31 9.19
N LEU B 22 9.71 -22.77 8.26
CA LEU B 22 9.29 -22.76 6.85
C LEU B 22 9.15 -24.18 6.32
N LYS B 23 10.11 -25.06 6.67
CA LYS B 23 9.99 -26.44 6.21
C LYS B 23 8.75 -27.11 6.76
N TYR B 24 8.36 -26.78 7.99
CA TYR B 24 7.12 -27.33 8.52
C TYR B 24 5.91 -26.86 7.71
N VAL B 25 5.88 -25.57 7.38
CA VAL B 25 4.76 -25.05 6.60
C VAL B 25 4.66 -25.78 5.27
N LEU B 26 5.81 -26.15 4.68
CA LEU B 26 5.86 -26.69 3.33
C LEU B 26 5.83 -28.21 3.26
N GLN B 27 5.75 -28.90 4.41
CA GLN B 27 5.95 -30.34 4.45
C GLN B 27 4.93 -31.09 3.59
N ASP B 28 3.67 -30.65 3.60
CA ASP B 28 2.66 -31.21 2.70
C ASP B 28 2.09 -30.02 1.96
N ALA B 29 2.83 -29.55 0.96
CA ALA B 29 2.41 -28.36 0.23
C ALA B 29 2.24 -28.68 -1.25
N ARG B 30 1.32 -27.93 -1.86
CA ARG B 30 1.27 -27.81 -3.32
C ARG B 30 1.68 -26.39 -3.67
N PHE B 31 2.30 -26.24 -4.84
CA PHE B 31 2.95 -25.00 -5.25
C PHE B 31 2.46 -24.59 -6.63
N PHE B 32 2.13 -23.32 -6.81
CA PHE B 32 1.66 -22.84 -8.10
C PHE B 32 2.39 -21.56 -8.48
N LEU B 33 2.88 -21.52 -9.71
CA LEU B 33 3.43 -20.28 -10.26
C LEU B 33 2.31 -19.33 -10.60
N ILE B 34 2.44 -18.07 -10.18
CA ILE B 34 1.47 -17.03 -10.50
C ILE B 34 2.20 -16.00 -11.35
N LYS B 35 1.70 -15.78 -12.57
CA LYS B 35 2.29 -14.82 -13.49
C LYS B 35 1.34 -13.63 -13.62
N SER B 36 1.85 -12.45 -13.35
CA SER B 36 1.07 -11.21 -13.44
C SER B 36 1.70 -10.29 -14.48
N ASN B 37 0.86 -9.57 -15.21
CA ASN B 37 1.34 -8.59 -16.17
C ASN B 37 1.49 -7.19 -15.57
N ASN B 38 1.20 -7.01 -14.28
CA ASN B 38 1.13 -5.67 -13.70
C ASN B 38 1.68 -5.70 -12.29
N HIS B 39 2.85 -5.07 -12.09
CA HIS B 39 3.42 -4.88 -10.76
C HIS B 39 2.41 -4.30 -9.77
N GLU B 40 1.48 -3.47 -10.24
CA GLU B 40 0.53 -2.83 -9.34
C GLU B 40 -0.35 -3.84 -8.63
N ASN B 41 -0.77 -4.88 -9.34
CA ASN B 41 -1.66 -5.86 -8.72
C ASN B 41 -0.90 -6.74 -7.73
N VAL B 42 0.39 -6.98 -7.97
CA VAL B 42 1.19 -7.69 -6.96
C VAL B 42 1.37 -6.80 -5.73
N SER B 43 1.59 -5.49 -5.93
CA SER B 43 1.73 -4.59 -4.78
CA SER B 43 1.73 -4.60 -4.78
C SER B 43 0.45 -4.56 -3.96
N LEU B 44 -0.69 -4.44 -4.61
CA LEU B 44 -1.97 -4.49 -3.94
CA LEU B 44 -1.97 -4.49 -3.94
C LEU B 44 -2.11 -5.79 -3.15
N ALA B 45 -1.80 -6.92 -3.80
CA ALA B 45 -1.95 -8.24 -3.19
C ALA B 45 -1.06 -8.40 -1.98
N LYS B 46 0.15 -7.85 -2.04
CA LYS B 46 1.10 -7.96 -0.93
C LYS B 46 0.62 -7.21 0.29
N ALA B 47 -0.01 -6.04 0.07
CA ALA B 47 -0.46 -5.20 1.18
C ALA B 47 -1.73 -5.73 1.81
N LYS B 48 -2.66 -6.22 0.99
CA LYS B 48 -4.00 -6.60 1.41
C LYS B 48 -4.14 -8.09 1.69
N GLY B 49 -3.21 -8.92 1.23
CA GLY B 49 -3.32 -10.35 1.48
C GLY B 49 -4.43 -11.02 0.71
N VAL B 50 -4.54 -10.70 -0.59
CA VAL B 50 -5.61 -11.23 -1.44
C VAL B 50 -5.03 -11.55 -2.82
N TRP B 51 -5.71 -12.46 -3.52
CA TRP B 51 -5.43 -12.69 -4.93
C TRP B 51 -6.70 -13.14 -5.62
N SER B 52 -6.75 -12.90 -6.92
CA SER B 52 -7.84 -13.34 -7.77
CA SER B 52 -7.84 -13.35 -7.77
C SER B 52 -7.26 -13.76 -9.12
N THR B 53 -7.83 -14.80 -9.72
CA THR B 53 -7.28 -15.35 -10.96
C THR B 53 -8.42 -15.75 -11.89
N LEU B 54 -8.04 -16.24 -13.07
CA LEU B 54 -9.00 -16.63 -14.10
C LEU B 54 -9.66 -17.96 -13.73
N PRO B 55 -10.78 -18.31 -14.36
CA PRO B 55 -11.55 -19.46 -13.87
C PRO B 55 -10.80 -20.77 -13.83
N VAL B 56 -9.99 -21.09 -14.85
CA VAL B 56 -9.31 -22.38 -14.86
C VAL B 56 -8.42 -22.51 -13.64
N ASN B 57 -7.66 -21.46 -13.35
CA ASN B 57 -6.75 -21.52 -12.21
C ASN B 57 -7.48 -21.39 -10.88
N GLU B 58 -8.62 -20.68 -10.85
CA GLU B 58 -9.37 -20.60 -9.61
C GLU B 58 -9.84 -21.98 -9.17
N LYS B 59 -10.35 -22.78 -10.11
CA LYS B 59 -10.78 -24.14 -9.82
C LYS B 59 -9.61 -24.99 -9.34
N LYS B 60 -8.47 -24.88 -10.02
CA LYS B 60 -7.28 -25.66 -9.63
C LYS B 60 -6.88 -25.33 -8.19
N LEU B 61 -6.85 -24.04 -7.85
CA LEU B 61 -6.41 -23.64 -6.51
C LEU B 61 -7.42 -24.07 -5.44
N ASN B 62 -8.72 -24.00 -5.75
CA ASN B 62 -9.71 -24.45 -4.77
C ASN B 62 -9.59 -25.95 -4.51
N LEU B 63 -9.43 -26.75 -5.57
CA LEU B 63 -9.15 -28.16 -5.38
C LEU B 63 -7.88 -28.38 -4.57
N ALA B 64 -6.81 -27.63 -4.90
CA ALA B 64 -5.56 -27.78 -4.16
C ALA B 64 -5.75 -27.46 -2.68
N PHE B 65 -6.52 -26.42 -2.39
CA PHE B 65 -6.70 -26.00 -1.00
C PHE B 65 -7.32 -27.11 -0.15
N ARG B 66 -8.21 -27.91 -0.74
CA ARG B 66 -8.83 -29.02 -0.01
C ARG B 66 -7.98 -30.27 -0.01
N SER B 67 -6.90 -30.32 -0.78
CA SER B 67 -6.14 -31.55 -0.94
C SER B 67 -4.79 -31.54 -0.26
N ALA B 68 -4.31 -30.38 0.20
CA ALA B 68 -2.98 -30.28 0.77
C ALA B 68 -3.04 -29.39 2.01
N ARG B 69 -2.11 -29.62 2.93
CA ARG B 69 -2.09 -28.83 4.16
C ARG B 69 -1.75 -27.37 3.90
N SER B 70 -0.96 -27.09 2.87
CA SER B 70 -0.60 -25.73 2.46
C SER B 70 -0.61 -25.64 0.95
N VAL B 71 -1.11 -24.51 0.44
CA VAL B 71 -1.06 -24.21 -0.99
C VAL B 71 -0.31 -22.91 -1.14
N ILE B 72 0.80 -22.97 -1.88
CA ILE B 72 1.74 -21.87 -2.00
C ILE B 72 1.63 -21.27 -3.39
N LEU B 73 1.48 -19.96 -3.44
CA LEU B 73 1.54 -19.20 -4.68
C LEU B 73 2.89 -18.52 -4.74
N ILE B 74 3.65 -18.77 -5.80
CA ILE B 74 4.94 -18.13 -6.01
C ILE B 74 4.79 -17.14 -7.17
N PHE B 75 4.98 -15.85 -6.89
CA PHE B 75 4.61 -14.77 -7.81
C PHE B 75 5.77 -14.33 -8.69
N SER B 76 5.49 -14.13 -9.98
CA SER B 76 6.44 -13.52 -10.91
C SER B 76 5.74 -12.56 -11.86
N VAL B 77 6.20 -11.33 -11.90
CA VAL B 77 5.72 -10.32 -12.84
C VAL B 77 6.39 -10.57 -14.18
N ARG B 78 5.58 -10.75 -15.23
CA ARG B 78 6.13 -11.07 -16.54
C ARG B 78 7.15 -10.01 -16.95
N GLU B 79 8.25 -10.47 -17.54
CA GLU B 79 9.39 -9.69 -18.01
C GLU B 79 10.21 -9.03 -16.91
N SER B 80 9.93 -9.30 -15.63
CA SER B 80 10.74 -8.71 -14.57
C SER B 80 12.04 -9.47 -14.34
N GLY B 81 12.13 -10.73 -14.78
CA GLY B 81 13.32 -11.51 -14.50
C GLY B 81 13.46 -11.98 -13.07
N LYS B 82 12.39 -11.87 -12.28
CA LYS B 82 12.43 -12.19 -10.86
C LYS B 82 11.12 -12.81 -10.42
N PHE B 83 11.19 -13.50 -9.29
CA PHE B 83 10.03 -13.75 -8.45
C PHE B 83 9.91 -12.59 -7.46
N GLN B 84 8.68 -12.21 -7.13
CA GLN B 84 8.46 -11.12 -6.19
C GLN B 84 8.04 -11.59 -4.81
N GLY B 85 7.96 -12.90 -4.59
CA GLY B 85 7.61 -13.41 -3.29
C GLY B 85 6.70 -14.62 -3.35
N PHE B 86 6.29 -15.12 -2.19
CA PHE B 86 5.38 -16.26 -2.16
C PHE B 86 4.50 -16.20 -0.91
N ALA B 87 3.33 -16.81 -1.05
CA ALA B 87 2.25 -16.67 -0.08
C ALA B 87 1.52 -18.00 0.01
N ARG B 88 0.81 -18.18 1.12
CA ARG B 88 0.03 -19.38 1.39
C ARG B 88 -1.45 -19.04 1.40
N LEU B 89 -2.26 -19.81 0.66
CA LEU B 89 -3.71 -19.65 0.75
C LEU B 89 -4.21 -19.90 2.17
N SER B 90 -5.02 -18.97 2.69
CA SER B 90 -5.76 -19.21 3.92
C SER B 90 -7.25 -19.48 3.68
N SER B 91 -7.73 -19.33 2.45
CA SER B 91 -9.11 -19.63 2.13
C SER B 91 -9.20 -20.16 0.72
N GLU B 92 -10.31 -20.85 0.44
CA GLU B 92 -10.80 -20.99 -0.92
C GLU B 92 -11.21 -19.61 -1.44
N SER B 93 -11.45 -19.55 -2.75
CA SER B 93 -11.95 -18.31 -3.32
C SER B 93 -13.37 -18.05 -2.83
N HIS B 94 -13.69 -16.77 -2.65
CA HIS B 94 -15.03 -16.41 -2.20
C HIS B 94 -15.50 -15.14 -2.87
N HIS B 95 -16.79 -15.11 -3.20
CA HIS B 95 -17.43 -13.95 -3.80
C HIS B 95 -18.18 -13.15 -2.74
N GLY B 96 -18.63 -11.96 -3.12
CA GLY B 96 -19.47 -11.16 -2.25
C GLY B 96 -18.77 -10.62 -1.03
N GLY B 97 -17.43 -10.49 -1.07
CA GLY B 97 -16.69 -9.88 -0.01
C GLY B 97 -16.35 -8.44 -0.31
N SER B 98 -15.49 -7.87 0.53
CA SER B 98 -15.00 -6.52 0.29
C SER B 98 -14.39 -6.43 -1.11
N PRO B 99 -14.81 -5.48 -1.94
CA PRO B 99 -14.29 -5.43 -3.30
C PRO B 99 -12.83 -5.05 -3.32
N ILE B 100 -12.06 -5.69 -4.19
CA ILE B 100 -10.67 -5.35 -4.45
C ILE B 100 -10.62 -4.57 -5.76
N HIS B 101 -10.03 -3.38 -5.72
CA HIS B 101 -9.93 -2.54 -6.93
C HIS B 101 -8.62 -2.86 -7.65
N TRP B 102 -8.60 -4.05 -8.25
CA TRP B 102 -7.50 -4.44 -9.12
C TRP B 102 -7.37 -3.46 -10.28
N VAL B 103 -6.15 -3.35 -10.81
CA VAL B 103 -5.98 -2.75 -12.12
C VAL B 103 -6.41 -3.80 -13.13
N LEU B 104 -7.60 -3.64 -13.71
CA LEU B 104 -8.13 -4.66 -14.62
C LEU B 104 -7.48 -4.53 -15.99
N PRO B 105 -7.13 -5.65 -16.63
CA PRO B 105 -6.45 -5.57 -17.92
C PRO B 105 -7.41 -5.13 -19.01
N ALA B 106 -6.85 -4.90 -20.20
CA ALA B 106 -7.62 -4.46 -21.34
C ALA B 106 -8.76 -5.42 -21.63
N GLY B 107 -9.98 -4.88 -21.64
CA GLY B 107 -11.18 -5.66 -21.76
C GLY B 107 -11.96 -5.68 -20.45
N MET B 108 -11.45 -6.48 -19.51
CA MET B 108 -12.05 -6.85 -18.23
C MET B 108 -12.98 -5.83 -17.56
N SER B 109 -14.00 -6.35 -16.88
CA SER B 109 -14.84 -5.58 -15.98
C SER B 109 -14.78 -6.20 -14.58
N ALA B 110 -15.12 -5.39 -13.57
CA ALA B 110 -15.10 -5.88 -12.20
C ALA B 110 -16.18 -6.92 -11.94
N LYS B 111 -17.29 -6.89 -12.69
CA LYS B 111 -18.31 -7.91 -12.53
C LYS B 111 -17.82 -9.27 -13.03
N MET B 112 -16.79 -9.30 -13.87
CA MET B 112 -16.26 -10.55 -14.41
C MET B 112 -15.20 -11.17 -13.51
N LEU B 113 -14.84 -10.51 -12.41
CA LEU B 113 -13.77 -11.01 -11.55
C LEU B 113 -14.15 -12.35 -10.93
N GLY B 114 -13.17 -13.22 -10.80
CA GLY B 114 -13.33 -14.43 -10.03
C GLY B 114 -13.45 -14.12 -8.56
N GLY B 115 -13.51 -15.18 -7.77
CA GLY B 115 -13.55 -15.01 -6.33
C GLY B 115 -12.22 -14.49 -5.81
N VAL B 116 -12.22 -14.11 -4.55
CA VAL B 116 -11.03 -13.61 -3.87
C VAL B 116 -10.48 -14.69 -2.96
N PHE B 117 -9.19 -15.00 -3.13
CA PHE B 117 -8.47 -15.84 -2.21
C PHE B 117 -7.82 -14.97 -1.14
N LYS B 118 -7.99 -15.34 0.12
CA LYS B 118 -7.19 -14.71 1.16
C LYS B 118 -5.85 -15.43 1.21
N ILE B 119 -4.77 -14.68 1.29
CA ILE B 119 -3.43 -15.26 1.34
C ILE B 119 -2.63 -14.59 2.45
N ASP B 120 -1.76 -15.38 3.08
CA ASP B 120 -0.79 -14.89 4.04
C ASP B 120 0.59 -14.96 3.38
N TRP B 121 1.22 -13.80 3.21
CA TRP B 121 2.53 -13.78 2.59
C TRP B 121 3.56 -14.38 3.52
N ILE B 122 4.45 -15.19 2.96
CA ILE B 122 5.57 -15.75 3.70
C ILE B 122 6.87 -15.00 3.38
N CYS B 123 7.03 -14.49 2.17
CA CYS B 123 8.17 -13.66 1.79
C CYS B 123 7.67 -12.69 0.74
N ARG B 124 7.94 -11.40 0.95
CA ARG B 124 7.58 -10.39 -0.04
C ARG B 124 8.81 -9.80 -0.72
N ARG B 125 9.96 -10.42 -0.53
CA ARG B 125 11.21 -9.97 -1.11
C ARG B 125 11.48 -10.71 -2.42
N GLU B 126 12.26 -10.06 -3.28
CA GLU B 126 12.52 -10.57 -4.62
C GLU B 126 13.55 -11.68 -4.62
N LEU B 127 13.40 -12.57 -5.59
CA LEU B 127 14.39 -13.61 -5.89
C LEU B 127 14.67 -13.55 -7.38
N PRO B 128 15.85 -13.15 -7.82
CA PRO B 128 16.12 -13.11 -9.25
C PRO B 128 16.21 -14.53 -9.81
N PHE B 129 15.81 -14.66 -11.08
CA PHE B 129 15.87 -15.96 -11.74
C PHE B 129 17.28 -16.55 -11.73
N THR B 130 18.31 -15.69 -11.63
CA THR B 130 19.69 -16.16 -11.61
C THR B 130 19.99 -17.00 -10.38
N LYS B 131 19.18 -16.90 -9.33
CA LYS B 131 19.37 -17.72 -8.14
C LYS B 131 18.61 -19.04 -8.18
N SER B 132 17.71 -19.22 -9.13
CA SER B 132 16.95 -20.46 -9.25
C SER B 132 17.28 -21.23 -10.52
N ALA B 133 18.41 -20.91 -11.16
CA ALA B 133 18.72 -21.48 -12.46
C ALA B 133 19.04 -22.97 -12.39
N HIS B 134 19.36 -23.48 -11.22
CA HIS B 134 19.66 -24.91 -11.03
C HIS B 134 18.42 -25.74 -10.78
N LEU B 135 17.26 -25.12 -10.61
CA LEU B 135 16.03 -25.82 -10.28
C LEU B 135 15.19 -26.03 -11.52
N THR B 136 14.80 -27.28 -11.76
CA THR B 136 13.93 -27.63 -12.87
C THR B 136 12.68 -28.30 -12.32
N ASN B 137 11.55 -28.07 -12.99
CA ASN B 137 10.25 -28.56 -12.54
C ASN B 137 9.86 -29.83 -13.30
N PRO B 138 9.88 -31.00 -12.66
CA PRO B 138 9.48 -32.24 -13.34
C PRO B 138 8.10 -32.17 -13.98
N TRP B 139 7.19 -31.41 -13.39
CA TRP B 139 5.82 -31.36 -13.86
C TRP B 139 5.62 -30.32 -14.96
N ASN B 140 6.70 -29.69 -15.42
CA ASN B 140 6.72 -28.89 -16.65
C ASN B 140 7.88 -29.33 -17.53
N GLU B 141 7.95 -30.65 -17.80
CA GLU B 141 8.94 -31.24 -18.70
C GLU B 141 10.37 -31.00 -18.26
N HIS B 142 10.59 -30.84 -16.95
CA HIS B 142 11.92 -30.63 -16.38
C HIS B 142 12.58 -29.37 -16.91
N LYS B 143 11.76 -28.37 -17.26
CA LYS B 143 12.25 -27.05 -17.63
C LYS B 143 12.59 -26.25 -16.37
N PRO B 144 13.52 -25.30 -16.48
CA PRO B 144 13.83 -24.44 -15.32
C PRO B 144 12.56 -23.86 -14.73
N VAL B 145 12.56 -23.75 -13.39
CA VAL B 145 11.32 -23.44 -12.66
C VAL B 145 10.79 -22.05 -13.00
N LYS B 146 11.63 -21.14 -13.47
CA LYS B 146 11.17 -19.82 -13.90
C LYS B 146 10.26 -19.89 -15.11
N ILE B 147 10.27 -20.99 -15.85
CA ILE B 147 9.45 -21.11 -17.06
C ILE B 147 8.10 -21.68 -16.67
N GLY B 148 7.05 -21.02 -17.09
CA GLY B 148 5.72 -21.57 -16.94
C GLY B 148 4.67 -20.51 -17.11
N ARG B 149 3.48 -20.97 -17.43
CA ARG B 149 2.34 -20.09 -17.59
C ARG B 149 1.70 -19.87 -16.22
N ASP B 150 0.88 -18.83 -16.15
CA ASP B 150 0.14 -18.55 -14.92
C ASP B 150 -0.63 -19.79 -14.49
N GLY B 151 -0.43 -20.20 -13.23
CA GLY B 151 -1.08 -21.37 -12.69
C GLY B 151 -0.30 -22.68 -12.81
N GLN B 152 0.86 -22.67 -13.46
CA GLN B 152 1.65 -23.89 -13.61
C GLN B 152 1.95 -24.50 -12.23
N GLU B 153 1.60 -25.76 -12.04
CA GLU B 153 1.93 -26.37 -10.75
C GLU B 153 3.39 -26.79 -10.73
N ILE B 154 4.02 -26.66 -9.56
CA ILE B 154 5.43 -27.00 -9.36
C ILE B 154 5.52 -28.21 -8.42
N GLU B 155 6.26 -29.24 -8.83
CA GLU B 155 6.39 -30.45 -8.05
C GLU B 155 6.97 -30.15 -6.67
N LEU B 156 6.62 -30.99 -5.68
CA LEU B 156 6.85 -30.70 -4.26
C LEU B 156 8.31 -30.34 -3.96
N GLU B 157 9.27 -31.19 -4.37
CA GLU B 157 10.66 -30.91 -3.97
C GLU B 157 11.20 -29.67 -4.67
N CYS B 158 10.89 -29.51 -5.96
CA CYS B 158 11.28 -28.29 -6.66
C CYS B 158 10.67 -27.05 -6.01
N GLY B 159 9.38 -27.09 -5.70
CA GLY B 159 8.75 -25.94 -5.05
C GLY B 159 9.33 -25.65 -3.69
N THR B 160 9.63 -26.70 -2.92
CA THR B 160 10.21 -26.53 -1.60
C THR B 160 11.59 -25.86 -1.70
N GLN B 161 12.45 -26.37 -2.59
CA GLN B 161 13.77 -25.76 -2.73
C GLN B 161 13.67 -24.32 -3.26
N LEU B 162 12.74 -24.05 -4.17
CA LEU B 162 12.58 -22.69 -4.66
C LEU B 162 12.22 -21.75 -3.51
N CYS B 163 11.25 -22.16 -2.67
CA CYS B 163 10.85 -21.32 -1.55
C CYS B 163 12.01 -21.08 -0.59
N LEU B 164 12.87 -22.09 -0.39
CA LEU B 164 13.97 -21.93 0.55
C LEU B 164 15.03 -20.97 0.01
N LEU B 165 15.06 -20.71 -1.30
CA LEU B 165 16.03 -19.75 -1.84
C LEU B 165 15.73 -18.31 -1.43
N PHE B 166 14.49 -18.00 -1.09
CA PHE B 166 14.14 -16.62 -0.80
C PHE B 166 14.84 -16.15 0.48
N PRO B 167 15.18 -14.87 0.56
CA PRO B 167 15.81 -14.33 1.77
C PRO B 167 14.79 -14.14 2.87
N PRO B 168 15.24 -14.04 4.12
CA PRO B 168 14.30 -13.82 5.22
C PRO B 168 13.60 -12.47 5.09
N ASP B 169 12.32 -12.45 5.42
CA ASP B 169 11.54 -11.23 5.37
C ASP B 169 11.25 -10.78 6.80
N GLU B 170 11.95 -9.72 7.24
CA GLU B 170 11.78 -9.17 8.58
C GLU B 170 10.39 -8.59 8.81
N SER B 171 9.62 -8.35 7.74
CA SER B 171 8.29 -7.82 7.88
C SER B 171 7.25 -8.88 8.17
N ILE B 172 7.61 -10.16 8.10
CA ILE B 172 6.66 -11.25 8.18
C ILE B 172 6.94 -12.11 9.41
N ASP B 173 5.86 -12.53 10.05
CA ASP B 173 5.88 -13.39 11.22
C ASP B 173 5.16 -14.68 10.84
N LEU B 174 5.91 -15.78 10.71
CA LEU B 174 5.29 -17.05 10.33
C LEU B 174 4.31 -17.58 11.35
N TYR B 175 4.26 -16.98 12.54
CA TYR B 175 3.41 -17.47 13.62
C TYR B 175 1.95 -17.61 13.20
N GLN B 176 1.41 -16.61 12.51
CA GLN B 176 0.01 -16.68 12.11
C GLN B 176 -0.26 -17.85 11.17
N VAL B 177 0.65 -18.08 10.23
CA VAL B 177 0.47 -19.20 9.29
C VAL B 177 0.51 -20.52 10.05
N ILE B 178 1.52 -20.70 10.89
CA ILE B 178 1.63 -21.94 11.65
C ILE B 178 0.40 -22.17 12.52
N HIS B 179 -0.19 -21.10 13.04
CA HIS B 179 -1.32 -21.28 13.95
C HIS B 179 -2.62 -21.68 13.24
N LYS B 180 -2.74 -21.43 11.94
CA LYS B 180 -3.96 -21.79 11.21
C LYS B 180 -3.77 -23.01 10.30
N MET B 181 -2.75 -23.82 10.56
CA MET B 181 -2.60 -25.07 9.82
C MET B 181 -3.24 -26.21 10.60
S SO4 C . -16.51 11.39 19.38
O1 SO4 C . -15.42 11.49 20.36
O2 SO4 C . -16.81 9.98 19.18
O3 SO4 C . -17.71 12.11 19.79
O4 SO4 C . -16.01 11.94 18.12
S SO4 D . -2.13 12.92 -8.65
O1 SO4 D . -1.81 13.59 -7.38
O2 SO4 D . -2.73 11.63 -8.38
O3 SO4 D . -0.90 12.72 -9.41
O4 SO4 D . -3.08 13.75 -9.41
S SO4 E . -5.39 36.71 -2.82
O1 SO4 E . -4.03 36.18 -2.88
O2 SO4 E . -6.37 35.61 -2.85
O3 SO4 E . -5.58 37.47 -1.59
O4 SO4 E . -5.62 37.58 -3.98
S SO4 F . 7.61 25.17 2.67
O1 SO4 F . 7.73 24.53 3.97
O2 SO4 F . 7.61 24.16 1.62
O3 SO4 F . 6.36 25.92 2.63
O4 SO4 F . 8.74 26.07 2.47
S SO4 G . 9.10 16.28 -4.80
O1 SO4 G . 8.83 15.24 -5.80
O2 SO4 G . 8.58 15.87 -3.50
O3 SO4 G . 8.49 17.54 -5.24
O4 SO4 G . 10.56 16.42 -4.75
S SO4 H . -11.58 31.12 1.35
O1 SO4 H . -10.15 31.02 1.04
O2 SO4 H . -11.91 30.24 2.48
O3 SO4 H . -11.85 32.51 1.78
O4 SO4 H . -12.45 30.80 0.21
CAA OUQ I . -7.34 -9.86 -10.38
CAB OUQ I . -4.86 -9.57 -10.48
CAD OUQ I . -10.93 -9.64 -14.86
CAE OUQ I . -10.94 -10.28 -16.08
CAF OUQ I . -9.72 -9.52 -14.17
CAG OUQ I . -8.54 -10.68 -15.93
CAH OUQ I . -7.03 -11.14 -13.05
CAI OUQ I . -6.29 -8.50 -12.20
CAL OUQ I . -9.75 -10.80 -16.62
CAM OUQ I . -8.53 -10.04 -14.71
CAN OUQ I . -7.22 -9.90 -13.93
CAO OUQ I . -6.12 -9.74 -11.31
FAC OUQ I . -9.76 -11.41 -17.80
NAJ OUQ I . -6.02 -10.97 -12.04
OAK OUQ I . -7.32 -8.67 -13.18
S SO4 J . -2.81 -9.48 -13.90
O1 SO4 J . -1.86 -9.99 -14.89
O2 SO4 J . -3.43 -10.61 -13.23
O3 SO4 J . -3.83 -8.68 -14.57
O4 SO4 J . -2.09 -8.67 -12.93
S SO4 K . 13.41 -6.55 -1.75
O1 SO4 K . 14.40 -7.42 -1.10
O2 SO4 K . 12.41 -6.12 -0.79
O3 SO4 K . 14.08 -5.38 -2.29
O4 SO4 K . 12.75 -7.29 -2.84
S SO4 L . -18.40 -18.41 -3.00
O1 SO4 L . -18.15 -18.87 -1.63
O2 SO4 L . -19.56 -19.10 -3.54
O3 SO4 L . -18.62 -16.97 -2.95
O4 SO4 L . -17.26 -18.72 -3.86
S SO4 M . -0.77 -16.93 -19.38
O1 SO4 M . 0.50 -17.10 -18.68
O2 SO4 M . -1.02 -18.04 -20.29
O3 SO4 M . -0.73 -15.69 -20.16
O4 SO4 M . -1.86 -16.87 -18.42
#